data_3SN0
#
_entry.id   3SN0
#
_cell.length_a   104.750
_cell.length_b   104.750
_cell.length_c   144.885
_cell.angle_alpha   90.000
_cell.angle_beta   90.000
_cell.angle_gamma   90.000
#
_symmetry.space_group_name_H-M   'I 4 2 2'
#
loop_
_entity.id
_entity.type
_entity.pdbx_description
1 polymer 'putative L-alanine-DL-glutamate epimerase'
2 non-polymer 'MAGNESIUM ION'
3 non-polymer 'FUMARIC ACID'
4 non-polymer 'CHLORIDE ION'
5 water water
#
_entity_poly.entity_id   1
_entity_poly.type   'polypeptide(L)'
_entity_poly.pdbx_seq_one_letter_code
;(MSE)SLKVVSVDTLCCDAGWRNYHFVKLTTDEGIVGWSEFDEGFGSPGVTAVIEQLGKRLVGASV(MSE)EHERFFAEA
YCLTRPATGGVVSEGIGAIENALLDAKAKTLNVPCYELLGGKLRDRVPVYWSHCPTWRINHPKFFGPPVTDLDGVKRTAE
EARERQFRAIKTNIFIHDDGPLHAWRPGFAVPFQPALNVDRKVLRNLRAHLEALRDGAGPDVEILLDLNFNAKPEGYLKI
LRELADFDLFWVEIDSYSPQGLAYVRNHSPHPISSCETLFGIREFKPFFDANAVDVAIVDTIWNGVWQS(MSE)KIAAFA
DAHDINVAPHNFYGHLCT(MSE)INANFAAAVPNLRI(MSE)ETDIDRLAWEDELFTHAPEYQNGELIIPDRPGWGTDPV
EEAILAHPPKV(MSE)GGLLQYKRSEGHHHHHH
;
_entity_poly.pdbx_strand_id   A
#
loop_
_chem_comp.id
_chem_comp.type
_chem_comp.name
_chem_comp.formula
CL non-polymer 'CHLORIDE ION' 'Cl -1'
FUM non-polymer 'FUMARIC ACID' 'C4 H4 O4'
MG non-polymer 'MAGNESIUM ION' 'Mg 2'
#
# COMPACT_ATOMS: atom_id res chain seq x y z
N SER A 2 -12.70 9.54 -31.75
CA SER A 2 -13.18 10.76 -31.06
C SER A 2 -12.34 11.09 -29.82
N LEU A 3 -11.64 10.07 -29.32
CA LEU A 3 -10.91 10.11 -28.04
C LEU A 3 -11.83 10.32 -26.81
N LYS A 4 -13.14 10.16 -27.00
CA LYS A 4 -14.07 10.35 -25.90
C LYS A 4 -14.13 9.12 -25.02
N VAL A 5 -14.37 9.34 -23.73
CA VAL A 5 -14.70 8.27 -22.81
C VAL A 5 -16.14 7.86 -23.08
N VAL A 6 -16.37 6.57 -23.29
CA VAL A 6 -17.73 6.06 -23.57
C VAL A 6 -18.40 5.49 -22.31
N SER A 7 -17.61 4.90 -21.43
CA SER A 7 -18.13 4.29 -20.22
C SER A 7 -17.10 4.22 -19.08
N VAL A 8 -17.63 4.27 -17.86
CA VAL A 8 -16.85 4.09 -16.67
C VAL A 8 -17.64 3.12 -15.80
N ASP A 9 -17.06 1.96 -15.56
CA ASP A 9 -17.72 0.94 -14.75
C ASP A 9 -16.82 0.48 -13.62
N THR A 10 -17.41 -0.09 -12.58
CA THR A 10 -16.63 -0.68 -11.50
C THR A 10 -16.90 -2.19 -11.45
N LEU A 11 -15.87 -2.94 -11.06
CA LEU A 11 -15.96 -4.39 -10.91
C LEU A 11 -15.38 -4.76 -9.54
N CYS A 12 -15.76 -5.92 -9.04
CA CYS A 12 -15.37 -6.34 -7.67
C CYS A 12 -15.23 -7.85 -7.63
N CYS A 13 -14.18 -8.36 -6.96
CA CYS A 13 -14.01 -9.80 -6.81
C CYS A 13 -13.45 -10.16 -5.44
N ASP A 14 -13.58 -11.44 -5.11
CA ASP A 14 -13.09 -12.01 -3.84
C ASP A 14 -11.55 -11.98 -3.77
N ALA A 15 -11.04 -11.45 -2.66
CA ALA A 15 -9.63 -11.57 -2.29
C ALA A 15 -9.49 -12.21 -0.89
N GLY A 16 -10.45 -13.04 -0.53
CA GLY A 16 -10.36 -13.92 0.63
C GLY A 16 -10.95 -13.28 1.87
N TRP A 17 -10.18 -12.35 2.44
CA TRP A 17 -10.57 -11.69 3.68
C TRP A 17 -10.92 -10.23 3.38
N ARG A 18 -10.87 -9.89 2.10
CA ARG A 18 -11.23 -8.58 1.57
C ARG A 18 -11.58 -8.77 0.09
N ASN A 19 -12.13 -7.74 -0.53
CA ASN A 19 -12.36 -7.76 -1.98
C ASN A 19 -11.35 -6.90 -2.71
N TYR A 20 -11.10 -7.23 -3.96
CA TYR A 20 -10.46 -6.30 -4.86
C TYR A 20 -11.53 -5.54 -5.64
N HIS A 21 -11.26 -4.28 -5.95
CA HIS A 21 -12.15 -3.47 -6.79
C HIS A 21 -11.37 -2.91 -7.97
N PHE A 22 -12.08 -2.69 -9.06
CA PHE A 22 -11.48 -2.17 -10.29
C PHE A 22 -12.36 -1.11 -10.94
N VAL A 23 -11.72 -0.13 -11.57
CA VAL A 23 -12.36 0.77 -12.52
C VAL A 23 -12.02 0.31 -13.93
N LYS A 24 -13.05 0.23 -14.77
CA LYS A 24 -12.90 -0.11 -16.19
C LYS A 24 -13.44 1.04 -17.01
N LEU A 25 -12.58 1.65 -17.83
CA LEU A 25 -12.94 2.82 -18.59
C LEU A 25 -12.74 2.44 -20.05
N THR A 26 -13.72 2.71 -20.90
N THR A 26 -13.74 2.69 -20.90
CA THR A 26 -13.63 2.39 -22.33
CA THR A 26 -13.60 2.40 -22.33
C THR A 26 -13.73 3.66 -23.16
C THR A 26 -13.71 3.68 -23.13
N THR A 27 -12.94 3.75 -24.21
CA THR A 27 -12.94 4.91 -25.09
C THR A 27 -13.67 4.60 -26.39
N ASP A 28 -13.93 5.64 -27.17
CA ASP A 28 -14.62 5.49 -28.44
C ASP A 28 -13.82 4.60 -29.39
N GLU A 29 -12.49 4.60 -29.24
CA GLU A 29 -11.59 3.77 -30.07
C GLU A 29 -11.53 2.30 -29.61
N GLY A 30 -12.23 1.95 -28.52
CA GLY A 30 -12.24 0.59 -28.01
C GLY A 30 -11.09 0.26 -27.05
N ILE A 31 -10.33 1.28 -26.65
CA ILE A 31 -9.24 1.09 -25.67
C ILE A 31 -9.89 0.95 -24.30
N VAL A 32 -9.37 0.05 -23.48
CA VAL A 32 -9.85 -0.13 -22.11
C VAL A 32 -8.72 0.25 -21.15
N GLY A 33 -9.02 1.17 -20.25
CA GLY A 33 -8.11 1.56 -19.19
C GLY A 33 -8.64 1.01 -17.86
N TRP A 34 -7.72 0.49 -17.05
CA TRP A 34 -8.05 -0.12 -15.79
C TRP A 34 -7.30 0.49 -14.63
N SER A 35 -7.95 0.49 -13.47
CA SER A 35 -7.24 0.71 -12.23
C SER A 35 -7.78 -0.27 -11.18
N GLU A 36 -7.04 -0.37 -10.09
CA GLU A 36 -7.51 -1.16 -8.94
C GLU A 36 -7.63 -0.20 -7.78
N PHE A 37 -8.67 -0.38 -6.97
CA PHE A 37 -8.87 0.35 -5.72
C PHE A 37 -9.35 -0.58 -4.61
N ASP A 38 -9.46 -0.01 -3.41
CA ASP A 38 -9.76 -0.78 -2.24
C ASP A 38 -10.81 -0.06 -1.38
N GLU A 39 -11.70 -0.83 -0.76
CA GLU A 39 -12.63 -0.30 0.26
C GLU A 39 -12.37 -0.81 1.67
N GLY A 40 -11.66 -1.93 1.78
CA GLY A 40 -11.53 -2.62 3.06
C GLY A 40 -10.62 -1.95 4.07
N PHE A 41 -9.70 -1.13 3.61
CA PHE A 41 -8.81 -0.40 4.51
C PHE A 41 -9.46 0.90 4.97
N GLY A 42 -10.59 0.76 5.66
CA GLY A 42 -11.31 1.86 6.29
C GLY A 42 -12.07 2.79 5.37
N SER A 43 -12.42 2.29 4.18
CA SER A 43 -12.85 3.14 3.07
C SER A 43 -14.17 2.70 2.41
N PRO A 44 -15.25 2.56 3.20
CA PRO A 44 -16.53 2.26 2.61
C PRO A 44 -16.97 3.47 1.80
N GLY A 45 -17.60 3.23 0.64
CA GLY A 45 -18.14 4.31 -0.16
C GLY A 45 -17.40 4.66 -1.45
N VAL A 46 -16.19 4.14 -1.64
CA VAL A 46 -15.39 4.54 -2.82
C VAL A 46 -16.15 4.23 -4.13
N THR A 47 -16.76 3.04 -4.20
CA THR A 47 -17.52 2.69 -5.40
C THR A 47 -18.62 3.72 -5.70
N ALA A 48 -19.35 4.13 -4.68
CA ALA A 48 -20.38 5.13 -4.88
C ALA A 48 -19.85 6.45 -5.41
N VAL A 49 -18.70 6.88 -4.89
CA VAL A 49 -18.07 8.09 -5.38
C VAL A 49 -17.75 7.95 -6.86
N ILE A 50 -17.14 6.82 -7.21
CA ILE A 50 -16.73 6.58 -8.59
C ILE A 50 -17.94 6.53 -9.53
N GLU A 51 -18.99 5.85 -9.10
CA GLU A 51 -20.24 5.76 -9.89
C GLU A 51 -20.80 7.15 -10.22
N GLN A 52 -20.80 8.06 -9.24
CA GLN A 52 -21.28 9.42 -9.46
CA GLN A 52 -21.28 9.42 -9.44
C GLN A 52 -20.33 10.21 -10.35
N LEU A 53 -19.04 10.22 -10.01
CA LEU A 53 -18.09 11.04 -10.75
C LEU A 53 -17.86 10.57 -12.18
N GLY A 54 -17.95 9.26 -12.42
CA GLY A 54 -17.74 8.72 -13.76
C GLY A 54 -18.82 9.15 -14.75
N LYS A 55 -20.01 9.47 -14.23
CA LYS A 55 -21.08 9.97 -15.08
C LYS A 55 -20.71 11.28 -15.78
N ARG A 56 -19.94 12.15 -15.12
CA ARG A 56 -19.54 13.43 -15.70
C ARG A 56 -18.44 13.22 -16.74
N LEU A 57 -17.70 12.13 -16.59
CA LEU A 57 -16.57 11.84 -17.47
C LEU A 57 -17.00 11.35 -18.85
N VAL A 58 -18.11 10.63 -18.93
CA VAL A 58 -18.59 10.14 -20.22
C VAL A 58 -18.84 11.31 -21.17
N GLY A 59 -18.24 11.23 -22.36
CA GLY A 59 -18.34 12.29 -23.36
C GLY A 59 -17.14 13.21 -23.36
N ALA A 60 -16.35 13.19 -22.29
CA ALA A 60 -15.13 13.99 -22.20
C ALA A 60 -13.94 13.27 -22.83
N SER A 61 -12.84 14.00 -23.04
CA SER A 61 -11.66 13.42 -23.66
C SER A 61 -10.93 12.52 -22.68
N VAL A 62 -10.53 11.33 -23.13
CA VAL A 62 -9.71 10.44 -22.31
C VAL A 62 -8.31 11.04 -22.07
N MSE A 63 -7.89 11.94 -22.94
CA MSE A 63 -6.56 12.55 -22.84
C MSE A 63 -6.47 13.59 -21.72
O MSE A 63 -5.38 13.87 -21.22
CB MSE A 63 -6.15 13.21 -24.18
CG MSE A 63 -6.35 12.32 -25.41
SE MSE A 63 -5.24 10.71 -25.36
CE MSE A 63 -3.67 11.44 -26.20
N GLU A 64 -7.62 14.14 -21.30
CA GLU A 64 -7.63 15.32 -20.44
C GLU A 64 -7.84 14.91 -18.97
N HIS A 65 -6.86 14.21 -18.40
CA HIS A 65 -7.05 13.66 -17.04
C HIS A 65 -6.96 14.75 -15.98
N GLU A 66 -6.06 15.71 -16.14
CA GLU A 66 -5.97 16.79 -15.14
C GLU A 66 -7.18 17.74 -15.21
N ARG A 67 -7.78 17.89 -16.39
CA ARG A 67 -9.07 18.57 -16.52
C ARG A 67 -10.12 17.86 -15.66
N PHE A 68 -10.23 16.54 -15.82
CA PHE A 68 -11.18 15.78 -15.02
C PHE A 68 -10.88 15.92 -13.52
N PHE A 69 -9.61 15.79 -13.14
CA PHE A 69 -9.26 15.97 -11.72
C PHE A 69 -9.73 17.32 -11.18
N ALA A 70 -9.39 18.36 -11.92
CA ALA A 70 -9.74 19.73 -11.54
C ALA A 70 -11.24 19.89 -11.37
N GLU A 71 -12.01 19.35 -12.33
CA GLU A 71 -13.46 19.42 -12.25
C GLU A 71 -13.99 18.61 -11.06
N ALA A 72 -13.47 17.40 -10.89
CA ALA A 72 -13.92 16.54 -9.80
C ALA A 72 -13.62 17.15 -8.44
N TYR A 73 -12.44 17.72 -8.30
CA TYR A 73 -12.08 18.42 -7.08
C TYR A 73 -13.07 19.54 -6.77
N CYS A 74 -13.42 20.35 -7.77
CA CYS A 74 -14.44 21.38 -7.63
C CYS A 74 -15.77 20.82 -7.16
N LEU A 75 -16.23 19.75 -7.82
CA LEU A 75 -17.56 19.21 -7.55
C LEU A 75 -17.68 18.51 -6.18
N THR A 76 -16.55 18.14 -5.58
CA THR A 76 -16.53 17.48 -4.26
C THR A 76 -15.71 18.27 -3.24
N ARG A 77 -15.44 19.53 -3.54
CA ARG A 77 -14.54 20.35 -2.71
C ARG A 77 -14.86 20.28 -1.19
N PRO A 78 -16.15 20.39 -0.81
CA PRO A 78 -16.46 20.42 0.63
C PRO A 78 -16.07 19.16 1.43
N ALA A 79 -16.13 18.00 0.79
CA ALA A 79 -15.87 16.72 1.46
C ALA A 79 -14.65 16.02 0.84
N THR A 80 -13.68 16.82 0.40
CA THR A 80 -12.46 16.29 -0.21
C THR A 80 -11.61 15.54 0.82
N GLY A 81 -10.73 14.70 0.30
CA GLY A 81 -9.92 13.81 1.14
C GLY A 81 -10.62 12.48 1.26
N GLY A 82 -9.99 11.53 1.94
CA GLY A 82 -10.64 10.27 2.23
C GLY A 82 -11.27 9.56 1.04
N VAL A 83 -12.48 9.06 1.25
CA VAL A 83 -13.15 8.20 0.28
C VAL A 83 -13.42 8.94 -1.04
N VAL A 84 -13.80 10.21 -0.94
CA VAL A 84 -13.98 11.04 -2.13
C VAL A 84 -12.70 11.07 -2.95
N SER A 85 -11.58 11.39 -2.30
CA SER A 85 -10.32 11.48 -3.02
C SER A 85 -9.85 10.12 -3.54
N GLU A 86 -10.16 9.03 -2.83
CA GLU A 86 -9.87 7.69 -3.35
C GLU A 86 -10.62 7.37 -4.65
N GLY A 87 -11.89 7.77 -4.72
CA GLY A 87 -12.67 7.60 -5.95
C GLY A 87 -12.06 8.36 -7.11
N ILE A 88 -11.67 9.61 -6.84
CA ILE A 88 -11.03 10.46 -7.86
C ILE A 88 -9.71 9.83 -8.34
N GLY A 89 -8.91 9.34 -7.41
CA GLY A 89 -7.63 8.70 -7.72
C GLY A 89 -7.80 7.43 -8.54
N ALA A 90 -8.81 6.64 -8.20
CA ALA A 90 -9.11 5.42 -8.98
C ALA A 90 -9.47 5.74 -10.43
N ILE A 91 -10.28 6.76 -10.64
CA ILE A 91 -10.61 7.18 -11.98
C ILE A 91 -9.37 7.73 -12.70
N GLU A 92 -8.57 8.53 -12.01
CA GLU A 92 -7.34 9.04 -12.58
C GLU A 92 -6.45 7.90 -13.10
N ASN A 93 -6.31 6.86 -12.29
CA ASN A 93 -5.42 5.77 -12.66
C ASN A 93 -5.95 4.99 -13.86
N ALA A 94 -7.28 4.91 -14.02
CA ALA A 94 -7.89 4.30 -15.20
C ALA A 94 -7.69 5.17 -16.44
N LEU A 95 -7.83 6.49 -16.27
CA LEU A 95 -7.56 7.43 -17.34
C LEU A 95 -6.13 7.34 -17.83
N LEU A 96 -5.18 7.26 -16.90
CA LEU A 96 -3.78 7.15 -17.29
C LEU A 96 -3.50 5.88 -18.10
N ASP A 97 -3.98 4.75 -17.62
CA ASP A 97 -3.87 3.49 -18.39
C ASP A 97 -4.42 3.64 -19.81
N ALA A 98 -5.62 4.19 -19.93
CA ALA A 98 -6.26 4.38 -21.25
C ALA A 98 -5.45 5.32 -22.14
N LYS A 99 -4.95 6.40 -21.56
CA LYS A 99 -4.16 7.37 -22.31
C LYS A 99 -2.88 6.73 -22.81
N ALA A 100 -2.19 6.00 -21.94
CA ALA A 100 -0.94 5.34 -22.31
C ALA A 100 -1.17 4.32 -23.42
N LYS A 101 -2.23 3.53 -23.27
CA LYS A 101 -2.60 2.55 -24.30
C LYS A 101 -2.93 3.20 -25.64
N THR A 102 -3.64 4.32 -25.58
CA THR A 102 -3.97 5.08 -26.80
C THR A 102 -2.70 5.53 -27.50
N LEU A 103 -1.68 5.93 -26.74
CA LEU A 103 -0.38 6.32 -27.29
C LEU A 103 0.62 5.19 -27.46
N ASN A 104 0.20 3.96 -27.14
CA ASN A 104 1.01 2.76 -27.28
C ASN A 104 2.31 2.80 -26.48
N VAL A 105 2.22 3.24 -25.22
CA VAL A 105 3.38 3.35 -24.37
C VAL A 105 3.05 2.83 -22.97
N PRO A 106 4.06 2.36 -22.22
CA PRO A 106 3.86 2.07 -20.81
C PRO A 106 3.52 3.34 -20.03
N CYS A 107 2.86 3.22 -18.89
CA CYS A 107 2.42 4.42 -18.19
C CYS A 107 3.57 5.29 -17.74
N TYR A 108 4.74 4.71 -17.46
CA TYR A 108 5.88 5.53 -17.06
C TYR A 108 6.30 6.55 -18.13
N GLU A 109 5.94 6.31 -19.39
CA GLU A 109 6.20 7.29 -20.46
C GLU A 109 5.36 8.54 -20.34
N LEU A 110 4.31 8.48 -19.54
CA LEU A 110 3.53 9.67 -19.23
C LEU A 110 4.07 10.39 -17.99
N LEU A 111 5.02 9.79 -17.27
CA LEU A 111 5.40 10.26 -15.96
C LEU A 111 6.82 10.81 -15.91
N GLY A 112 7.38 11.10 -17.08
CA GLY A 112 8.75 11.63 -17.16
C GLY A 112 9.73 10.67 -17.81
N GLY A 113 9.23 9.49 -18.21
CA GLY A 113 10.07 8.43 -18.71
C GLY A 113 10.60 7.63 -17.56
N LYS A 114 11.15 6.45 -17.82
CA LYS A 114 11.71 5.70 -16.71
C LYS A 114 13.11 6.20 -16.42
N LEU A 115 13.51 6.09 -15.18
CA LEU A 115 14.90 6.34 -14.85
C LEU A 115 15.57 5.15 -14.19
N ARG A 116 14.84 4.04 -14.00
CA ARG A 116 15.42 2.78 -13.57
C ARG A 116 14.60 1.64 -14.17
N ASP A 117 15.25 0.49 -14.37
CA ASP A 117 14.65 -0.69 -14.99
C ASP A 117 14.13 -1.69 -13.95
N ARG A 118 14.67 -1.61 -12.75
CA ARG A 118 14.29 -2.50 -11.68
C ARG A 118 14.20 -1.73 -10.39
N VAL A 119 13.40 -2.23 -9.45
CA VAL A 119 13.15 -1.55 -8.21
C VAL A 119 13.31 -2.51 -7.02
N PRO A 120 14.23 -2.21 -6.09
CA PRO A 120 14.26 -3.02 -4.87
C PRO A 120 12.95 -2.97 -4.11
N VAL A 121 12.53 -4.13 -3.60
CA VAL A 121 11.32 -4.22 -2.80
C VAL A 121 11.60 -4.65 -1.40
N TYR A 122 10.62 -4.46 -0.53
CA TYR A 122 10.53 -5.25 0.69
C TYR A 122 9.30 -6.14 0.65
N TRP A 123 9.43 -7.31 1.28
CA TRP A 123 8.35 -8.28 1.41
C TRP A 123 7.53 -7.84 2.62
N SER A 124 6.37 -7.30 2.31
CA SER A 124 5.51 -6.69 3.31
C SER A 124 4.64 -7.72 4.00
N HIS A 125 4.03 -7.34 5.12
CA HIS A 125 3.15 -8.23 5.86
C HIS A 125 3.78 -9.60 6.06
N CYS A 126 5.01 -9.56 6.57
CA CYS A 126 5.88 -10.71 6.69
C CYS A 126 6.43 -10.76 8.11
N PRO A 127 5.87 -11.63 8.96
CA PRO A 127 4.92 -12.74 8.69
C PRO A 127 3.44 -12.41 8.96
N THR A 128 3.09 -11.12 8.94
CA THR A 128 1.74 -10.66 9.27
C THR A 128 0.61 -11.42 8.53
N TRP A 129 0.73 -11.61 7.22
CA TRP A 129 -0.31 -12.30 6.47
C TRP A 129 -0.42 -13.80 6.82
N ARG A 130 0.70 -14.46 7.08
CA ARG A 130 0.67 -15.89 7.45
C ARG A 130 0.12 -16.09 8.87
N ILE A 131 0.24 -15.06 9.72
CA ILE A 131 -0.33 -15.12 11.07
C ILE A 131 -1.82 -14.77 11.07
N ASN A 132 -2.17 -13.68 10.37
CA ASN A 132 -3.50 -13.10 10.46
C ASN A 132 -4.51 -13.67 9.47
N HIS A 133 -4.05 -14.14 8.30
CA HIS A 133 -4.96 -14.71 7.29
C HIS A 133 -4.47 -16.06 6.79
N PRO A 134 -4.24 -17.02 7.71
CA PRO A 134 -3.63 -18.31 7.36
C PRO A 134 -4.47 -19.20 6.45
N LYS A 135 -5.78 -18.94 6.37
CA LYS A 135 -6.69 -19.63 5.45
CA LYS A 135 -6.63 -19.68 5.46
C LYS A 135 -6.33 -19.30 4.01
N PHE A 136 -5.72 -18.13 3.80
CA PHE A 136 -5.41 -17.62 2.47
C PHE A 136 -3.95 -17.62 2.10
N PHE A 137 -3.09 -17.43 3.11
CA PHE A 137 -1.66 -17.35 2.89
C PHE A 137 -0.96 -18.33 3.82
N GLY A 138 -0.30 -19.31 3.22
CA GLY A 138 0.43 -20.30 3.98
C GLY A 138 1.90 -20.35 3.64
N PRO A 139 2.68 -21.15 4.40
CA PRO A 139 2.20 -21.91 5.55
C PRO A 139 1.79 -21.03 6.73
N PRO A 140 0.76 -21.43 7.48
CA PRO A 140 0.38 -20.69 8.69
C PRO A 140 1.55 -20.47 9.64
N VAL A 141 1.58 -19.31 10.28
CA VAL A 141 2.56 -19.03 11.33
C VAL A 141 1.80 -18.92 12.66
N THR A 142 2.18 -19.73 13.63
CA THR A 142 1.45 -19.82 14.91
C THR A 142 2.34 -19.72 16.13
N ASP A 143 3.64 -19.51 15.93
CA ASP A 143 4.58 -19.41 17.04
C ASP A 143 5.87 -18.69 16.61
N LEU A 144 6.76 -18.49 17.57
CA LEU A 144 8.02 -17.80 17.30
C LEU A 144 8.88 -18.57 16.29
N ASP A 145 8.84 -19.91 16.33
CA ASP A 145 9.60 -20.68 15.35
C ASP A 145 9.16 -20.39 13.92
N GLY A 146 7.86 -20.26 13.71
CA GLY A 146 7.32 -19.94 12.39
C GLY A 146 7.68 -18.52 11.94
N VAL A 147 7.72 -17.60 12.89
CA VAL A 147 8.23 -16.26 12.63
C VAL A 147 9.67 -16.35 12.10
N LYS A 148 10.53 -17.08 12.81
CA LYS A 148 11.90 -17.27 12.37
C LYS A 148 11.96 -17.87 11.00
N ARG A 149 11.21 -18.95 10.75
CA ARG A 149 11.25 -19.64 9.46
CA ARG A 149 11.23 -19.64 9.46
C ARG A 149 10.81 -18.74 8.30
N THR A 150 9.85 -17.87 8.56
CA THR A 150 9.39 -16.94 7.52
C THR A 150 10.49 -15.97 7.10
N ALA A 151 11.22 -15.43 8.07
CA ALA A 151 12.37 -14.58 7.79
C ALA A 151 13.46 -15.35 7.05
N GLU A 152 13.70 -16.61 7.45
CA GLU A 152 14.64 -17.46 6.72
C GLU A 152 14.23 -17.64 5.26
N GLU A 153 12.94 -17.87 5.04
CA GLU A 153 12.41 -18.00 3.69
C GLU A 153 12.66 -16.72 2.86
N ALA A 154 12.43 -15.57 3.48
CA ALA A 154 12.70 -14.30 2.81
C ALA A 154 14.15 -14.22 2.40
N ARG A 155 15.04 -14.58 3.34
CA ARG A 155 16.47 -14.58 3.06
C ARG A 155 16.82 -15.51 1.90
N GLU A 156 16.30 -16.74 1.95
CA GLU A 156 16.60 -17.71 0.90
C GLU A 156 16.13 -17.26 -0.45
N ARG A 157 14.97 -16.61 -0.50
CA ARG A 157 14.36 -16.18 -1.77
CA ARG A 157 14.36 -16.18 -1.76
C ARG A 157 14.96 -14.85 -2.28
N GLN A 158 16.02 -14.39 -1.62
CA GLN A 158 16.81 -13.25 -2.04
C GLN A 158 16.13 -11.90 -1.84
N PHE A 159 15.11 -11.83 -0.98
CA PHE A 159 14.53 -10.54 -0.61
C PHE A 159 15.43 -9.88 0.39
N ARG A 160 15.55 -8.57 0.27
CA ARG A 160 16.55 -7.80 0.99
C ARG A 160 15.98 -7.13 2.24
N ALA A 161 14.67 -7.18 2.36
CA ALA A 161 13.96 -6.50 3.45
C ALA A 161 12.59 -7.10 3.67
N ILE A 162 12.10 -7.04 4.92
CA ILE A 162 10.79 -7.58 5.26
C ILE A 162 10.14 -6.64 6.27
N LYS A 163 8.79 -6.55 6.26
CA LYS A 163 8.07 -5.70 7.21
CA LYS A 163 8.06 -5.70 7.19
C LYS A 163 7.06 -6.48 8.02
N THR A 164 7.14 -6.32 9.34
CA THR A 164 6.22 -6.94 10.26
C THR A 164 5.39 -5.89 10.99
N ASN A 165 4.45 -6.36 11.81
CA ASN A 165 3.54 -5.48 12.59
C ASN A 165 3.65 -5.93 14.06
N ILE A 166 2.62 -5.75 14.88
CA ILE A 166 2.76 -6.03 16.31
C ILE A 166 2.01 -7.31 16.63
N PHE A 167 2.69 -8.23 17.32
CA PHE A 167 2.11 -9.53 17.66
C PHE A 167 2.32 -9.91 19.11
N ILE A 168 1.30 -10.53 19.68
CA ILE A 168 1.34 -11.04 21.05
C ILE A 168 1.50 -12.56 21.02
N HIS A 169 2.63 -13.04 21.55
CA HIS A 169 3.01 -14.46 21.49
C HIS A 169 2.76 -15.23 22.80
N ASP A 170 2.79 -14.54 23.93
CA ASP A 170 2.81 -15.20 25.26
C ASP A 170 1.50 -15.08 26.05
N ASP A 171 0.38 -14.82 25.35
CA ASP A 171 -0.92 -14.70 26.01
C ASP A 171 -1.98 -15.46 25.21
N GLY A 172 -1.87 -16.78 25.20
CA GLY A 172 -2.76 -17.63 24.41
C GLY A 172 -2.24 -17.79 22.98
N PRO A 173 -3.10 -18.26 22.06
CA PRO A 173 -2.76 -18.36 20.65
C PRO A 173 -2.20 -17.05 20.10
N LEU A 174 -1.15 -17.16 19.29
CA LEU A 174 -0.54 -16.01 18.63
C LEU A 174 -1.61 -15.14 18.00
N HIS A 175 -1.59 -13.85 18.30
CA HIS A 175 -2.58 -12.94 17.74
C HIS A 175 -2.00 -11.55 17.56
N ALA A 176 -2.61 -10.78 16.65
CA ALA A 176 -2.16 -9.43 16.31
C ALA A 176 -2.59 -8.47 17.39
N TRP A 177 -1.78 -7.43 17.61
CA TRP A 177 -2.16 -6.34 18.49
C TRP A 177 -2.49 -5.15 17.59
N ARG A 178 -3.79 -4.85 17.46
CA ARG A 178 -4.26 -3.83 16.52
C ARG A 178 -5.32 -2.89 17.14
N PRO A 179 -5.04 -2.33 18.33
CA PRO A 179 -6.06 -1.52 19.02
C PRO A 179 -6.45 -0.27 18.22
N GLY A 180 -5.54 0.23 17.38
CA GLY A 180 -5.84 1.40 16.53
C GLY A 180 -6.95 1.13 15.53
N PHE A 181 -7.14 -0.14 15.22
CA PHE A 181 -8.22 -0.59 14.35
C PHE A 181 -9.26 -1.42 15.11
N ALA A 182 -9.32 -1.19 16.42
CA ALA A 182 -10.34 -1.77 17.30
C ALA A 182 -10.25 -3.28 17.56
N VAL A 183 -9.10 -3.91 17.31
CA VAL A 183 -8.87 -5.27 17.78
C VAL A 183 -7.57 -5.39 18.58
N PRO A 184 -7.67 -5.39 19.90
CA PRO A 184 -8.91 -5.30 20.69
C PRO A 184 -9.44 -3.87 20.77
N PHE A 185 -10.65 -3.72 21.31
CA PHE A 185 -11.21 -2.41 21.50
C PHE A 185 -10.63 -1.86 22.80
N GLN A 186 -9.62 -1.03 22.64
CA GLN A 186 -8.94 -0.37 23.75
C GLN A 186 -8.55 1.01 23.23
N PRO A 187 -9.52 1.93 23.17
CA PRO A 187 -9.30 3.08 22.31
C PRO A 187 -8.28 4.09 22.82
N ALA A 188 -7.84 3.99 24.07
CA ALA A 188 -6.71 4.82 24.57
C ALA A 188 -5.37 4.45 23.90
N LEU A 189 -5.26 3.23 23.37
CA LEU A 189 -4.08 2.76 22.65
C LEU A 189 -2.84 2.78 23.55
N ASN A 190 -3.03 2.50 24.84
CA ASN A 190 -1.91 2.43 25.76
C ASN A 190 -0.99 1.27 25.41
N VAL A 191 0.30 1.50 25.64
CA VAL A 191 1.33 0.49 25.48
C VAL A 191 1.80 0.02 26.86
N ASP A 192 1.67 -1.28 27.11
CA ASP A 192 2.10 -1.83 28.39
C ASP A 192 3.26 -2.79 28.25
N ARG A 193 3.68 -3.38 29.37
CA ARG A 193 4.82 -4.29 29.33
C ARG A 193 4.62 -5.46 28.40
N LYS A 194 3.38 -5.94 28.37
CA LYS A 194 3.05 -7.08 27.55
C LYS A 194 3.36 -6.77 26.08
N VAL A 195 2.95 -5.59 25.61
CA VAL A 195 3.24 -5.19 24.23
C VAL A 195 4.75 -5.14 23.97
N LEU A 196 5.48 -4.53 24.88
CA LEU A 196 6.89 -4.33 24.69
C LEU A 196 7.67 -5.66 24.67
N ARG A 197 7.38 -6.55 25.62
CA ARG A 197 8.11 -7.82 25.68
C ARG A 197 7.80 -8.70 24.47
N ASN A 198 6.58 -8.62 23.95
CA ASN A 198 6.20 -9.39 22.78
C ASN A 198 6.80 -8.84 21.48
N LEU A 199 6.87 -7.52 21.37
CA LEU A 199 7.61 -6.89 20.28
C LEU A 199 9.06 -7.37 20.26
N ARG A 200 9.70 -7.35 21.41
CA ARG A 200 11.06 -7.80 21.50
C ARG A 200 11.19 -9.27 21.07
N ALA A 201 10.34 -10.14 21.64
CA ALA A 201 10.41 -11.59 21.34
C ALA A 201 10.24 -11.87 19.83
N HIS A 202 9.24 -11.19 19.26
CA HIS A 202 8.92 -11.32 17.83
C HIS A 202 10.07 -10.88 16.94
N LEU A 203 10.59 -9.68 17.20
CA LEU A 203 11.70 -9.13 16.42
C LEU A 203 13.00 -9.92 16.59
N GLU A 204 13.25 -10.43 17.78
CA GLU A 204 14.43 -11.32 17.99
C GLU A 204 14.34 -12.61 17.16
N ALA A 205 13.17 -13.23 17.12
CA ALA A 205 12.93 -14.39 16.26
C ALA A 205 13.07 -14.06 14.78
N LEU A 206 12.49 -12.94 14.36
CA LEU A 206 12.63 -12.51 12.97
C LEU A 206 14.10 -12.28 12.57
N ARG A 207 14.85 -11.60 13.45
CA ARG A 207 16.26 -11.33 13.19
C ARG A 207 17.06 -12.63 13.15
N ASP A 208 16.73 -13.56 14.04
CA ASP A 208 17.38 -14.87 14.09
CA ASP A 208 17.39 -14.88 14.08
C ASP A 208 17.25 -15.57 12.73
N GLY A 209 16.06 -15.49 12.14
CA GLY A 209 15.83 -16.08 10.83
C GLY A 209 16.36 -15.27 9.65
N ALA A 210 16.25 -13.95 9.75
CA ALA A 210 16.64 -13.06 8.65
C ALA A 210 18.15 -13.11 8.40
N GLY A 211 18.90 -13.34 9.47
CA GLY A 211 20.33 -13.15 9.45
C GLY A 211 20.65 -11.68 9.53
N PRO A 212 21.94 -11.35 9.47
CA PRO A 212 22.37 -9.98 9.73
C PRO A 212 22.23 -9.02 8.54
N ASP A 213 22.01 -9.55 7.34
CA ASP A 213 21.99 -8.69 6.15
C ASP A 213 20.58 -8.21 5.74
N VAL A 214 19.59 -9.09 5.81
CA VAL A 214 18.20 -8.74 5.48
C VAL A 214 17.73 -7.64 6.44
N GLU A 215 17.06 -6.62 5.88
CA GLU A 215 16.59 -5.49 6.70
C GLU A 215 15.23 -5.78 7.27
N ILE A 216 14.98 -5.29 8.48
CA ILE A 216 13.70 -5.48 9.14
C ILE A 216 13.02 -4.12 9.34
N LEU A 217 11.81 -4.01 8.79
CA LEU A 217 10.96 -2.85 8.97
C LEU A 217 9.88 -3.20 9.99
N LEU A 218 9.50 -2.24 10.81
CA LEU A 218 8.46 -2.44 11.84
C LEU A 218 7.34 -1.42 11.62
N ASP A 219 6.12 -1.90 11.36
CA ASP A 219 4.98 -1.03 11.17
C ASP A 219 4.11 -1.06 12.42
N LEU A 220 3.94 0.10 13.04
CA LEU A 220 3.12 0.24 14.23
C LEU A 220 1.74 0.84 13.92
N ASN A 221 1.49 1.15 12.64
CA ASN A 221 0.25 1.75 12.19
C ASN A 221 -0.23 2.87 13.14
N PHE A 222 -1.51 2.86 13.53
CA PHE A 222 -2.08 3.86 14.42
C PHE A 222 -2.23 3.25 15.84
N ASN A 223 -1.40 2.27 16.20
CA ASN A 223 -1.65 1.48 17.42
C ASN A 223 -1.17 2.04 18.76
N ALA A 224 -0.76 3.30 18.77
CA ALA A 224 -0.35 3.98 19.99
C ALA A 224 -0.59 5.47 19.91
N LYS A 225 -0.40 6.14 21.04
CA LYS A 225 -0.27 7.59 21.07
C LYS A 225 1.24 7.92 21.12
N PRO A 226 1.60 9.16 20.81
CA PRO A 226 3.02 9.56 20.93
C PRO A 226 3.72 9.01 22.18
N GLU A 227 3.10 9.11 23.36
CA GLU A 227 3.68 8.50 24.55
C GLU A 227 4.11 7.07 24.37
N GLY A 228 3.22 6.26 23.78
CA GLY A 228 3.45 4.85 23.59
C GLY A 228 4.44 4.58 22.49
N TYR A 229 4.41 5.38 21.42
CA TYR A 229 5.42 5.23 20.37
C TYR A 229 6.82 5.47 20.93
N LEU A 230 6.99 6.49 21.75
CA LEU A 230 8.29 6.74 22.41
C LEU A 230 8.72 5.56 23.29
N LYS A 231 7.80 5.00 24.06
CA LYS A 231 8.10 3.83 24.87
C LYS A 231 8.59 2.65 24.00
N ILE A 232 7.94 2.40 22.87
CA ILE A 232 8.34 1.33 21.97
C ILE A 232 9.74 1.58 21.39
N LEU A 233 9.98 2.81 20.96
CA LEU A 233 11.25 3.15 20.33
C LEU A 233 12.41 3.06 21.32
N ARG A 234 12.19 3.47 22.56
CA ARG A 234 13.20 3.36 23.60
C ARG A 234 13.47 1.90 23.97
N GLU A 235 12.41 1.09 24.03
CA GLU A 235 12.56 -0.34 24.29
C GLU A 235 13.40 -1.02 23.20
N LEU A 236 13.19 -0.56 21.96
CA LEU A 236 13.82 -1.19 20.79
C LEU A 236 15.02 -0.43 20.30
N ALA A 237 15.60 0.39 21.17
CA ALA A 237 16.69 1.28 20.81
C ALA A 237 17.87 0.49 20.26
N ASP A 238 18.04 -0.73 20.77
CA ASP A 238 19.21 -1.50 20.39
CA ASP A 238 19.14 -1.65 20.49
C ASP A 238 18.99 -2.44 19.18
N PHE A 239 17.79 -2.42 18.60
CA PHE A 239 17.53 -3.19 17.40
C PHE A 239 18.00 -2.46 16.15
N ASP A 240 18.36 -3.22 15.14
CA ASP A 240 18.74 -2.67 13.85
C ASP A 240 17.48 -2.68 13.00
N LEU A 241 16.79 -1.54 12.92
CA LEU A 241 15.55 -1.43 12.15
C LEU A 241 15.70 -0.47 10.97
N PHE A 242 15.29 -0.95 9.79
CA PHE A 242 15.36 -0.19 8.53
C PHE A 242 14.49 1.07 8.65
N TRP A 243 13.30 0.88 9.19
CA TRP A 243 12.49 2.00 9.65
C TRP A 243 11.43 1.51 10.60
N VAL A 244 10.89 2.47 11.34
CA VAL A 244 9.70 2.27 12.16
C VAL A 244 8.61 3.16 11.59
N GLU A 245 7.51 2.52 11.21
CA GLU A 245 6.42 3.16 10.52
CA GLU A 245 6.42 3.20 10.53
C GLU A 245 5.32 3.50 11.52
N ILE A 246 4.91 4.77 11.54
CA ILE A 246 3.95 5.30 12.55
C ILE A 246 2.98 6.22 11.81
N ASP A 247 1.71 5.85 11.78
CA ASP A 247 0.68 6.73 11.25
C ASP A 247 0.15 7.63 12.34
N SER A 248 0.01 8.92 12.00
CA SER A 248 -0.42 9.93 12.96
C SER A 248 -1.11 11.06 12.23
N TYR A 249 -2.16 11.58 12.85
CA TYR A 249 -2.76 12.82 12.39
C TYR A 249 -2.31 14.03 13.20
N SER A 250 -1.20 13.89 13.90
CA SER A 250 -0.61 14.99 14.66
C SER A 250 0.82 15.24 14.18
N PRO A 251 0.99 16.19 13.27
CA PRO A 251 2.34 16.42 12.76
C PRO A 251 3.31 16.82 13.88
N GLN A 252 2.82 17.59 14.86
CA GLN A 252 3.69 17.99 15.98
CA GLN A 252 3.65 18.00 16.02
C GLN A 252 4.03 16.78 16.86
N GLY A 253 3.07 15.90 17.07
CA GLY A 253 3.30 14.68 17.87
C GLY A 253 4.24 13.72 17.18
N LEU A 254 4.03 13.47 15.89
CA LEU A 254 4.95 12.61 15.13
C LEU A 254 6.35 13.20 15.10
N ALA A 255 6.45 14.51 14.89
CA ALA A 255 7.77 15.17 14.91
C ALA A 255 8.48 14.97 16.24
N TYR A 256 7.74 15.08 17.35
CA TYR A 256 8.31 14.87 18.66
C TYR A 256 8.87 13.46 18.78
N VAL A 257 8.08 12.47 18.34
CA VAL A 257 8.50 11.08 18.38
C VAL A 257 9.76 10.89 17.52
N ARG A 258 9.76 11.44 16.32
CA ARG A 258 10.91 11.23 15.43
C ARG A 258 12.18 11.84 16.06
N ASN A 259 12.03 13.02 16.63
CA ASN A 259 13.14 13.73 17.25
C ASN A 259 13.83 12.92 18.34
N HIS A 260 13.06 12.01 18.96
CA HIS A 260 13.55 11.11 19.99
C HIS A 260 13.78 9.66 19.54
N SER A 261 13.83 9.44 18.22
CA SER A 261 13.92 8.08 17.69
C SER A 261 15.34 7.77 17.25
N PRO A 262 15.86 6.61 17.65
CA PRO A 262 17.14 6.15 17.15
C PRO A 262 17.02 5.46 15.81
N HIS A 263 15.78 5.29 15.32
CA HIS A 263 15.50 4.62 14.06
C HIS A 263 14.87 5.59 13.06
N PRO A 264 15.10 5.35 11.75
CA PRO A 264 14.34 6.11 10.76
C PRO A 264 12.85 5.93 10.96
N ILE A 265 12.12 7.03 10.78
CA ILE A 265 10.66 7.02 10.89
C ILE A 265 10.01 7.21 9.51
N SER A 266 9.07 6.34 9.18
CA SER A 266 8.25 6.50 8.00
C SER A 266 6.81 6.76 8.42
N SER A 267 6.10 7.45 7.55
CA SER A 267 4.68 7.74 7.75
C SER A 267 4.06 8.17 6.43
N CYS A 268 2.77 8.49 6.52
CA CYS A 268 2.03 9.29 5.54
C CYS A 268 1.19 8.46 4.58
N GLU A 269 1.16 7.14 4.75
CA GLU A 269 0.44 6.28 3.80
C GLU A 269 -1.04 6.62 3.63
N THR A 270 -1.65 7.30 4.61
CA THR A 270 -3.08 7.58 4.57
C THR A 270 -3.39 9.01 4.13
N LEU A 271 -2.37 9.76 3.69
CA LEU A 271 -2.56 11.17 3.39
C LEU A 271 -2.80 11.46 1.91
N PHE A 272 -3.51 12.56 1.65
CA PHE A 272 -3.87 12.96 0.31
C PHE A 272 -3.35 14.33 -0.07
N GLY A 273 -2.59 14.41 -1.16
CA GLY A 273 -2.19 15.65 -1.74
C GLY A 273 -1.03 16.30 -1.02
N ILE A 274 -0.34 17.18 -1.74
CA ILE A 274 0.68 18.03 -1.11
C ILE A 274 0.12 18.70 0.15
N ARG A 275 -1.12 19.16 0.11
CA ARG A 275 -1.72 19.86 1.27
C ARG A 275 -1.64 19.05 2.57
N GLU A 276 -1.90 17.75 2.50
CA GLU A 276 -1.87 16.96 3.73
C GLU A 276 -0.46 16.55 4.16
N PHE A 277 0.46 16.41 3.20
CA PHE A 277 1.83 16.01 3.51
C PHE A 277 2.57 17.20 4.12
N LYS A 278 2.21 18.41 3.69
CA LYS A 278 2.96 19.62 4.04
C LYS A 278 3.21 19.84 5.53
N PRO A 279 2.17 19.75 6.37
CA PRO A 279 2.45 20.00 7.78
C PRO A 279 3.47 19.04 8.39
N PHE A 280 3.50 17.81 7.90
CA PHE A 280 4.46 16.81 8.35
C PHE A 280 5.86 17.16 7.87
N PHE A 281 6.02 17.56 6.62
CA PHE A 281 7.35 17.92 6.18
C PHE A 281 7.84 19.19 6.87
N ASP A 282 6.95 20.18 7.01
CA ASP A 282 7.33 21.43 7.70
C ASP A 282 7.78 21.18 9.14
N ALA A 283 7.19 20.16 9.77
CA ALA A 283 7.52 19.80 11.14
C ALA A 283 8.73 18.86 11.28
N ASN A 284 9.42 18.50 10.19
CA ASN A 284 10.49 17.50 10.26
C ASN A 284 9.99 16.18 10.85
N ALA A 285 8.78 15.78 10.49
CA ALA A 285 8.16 14.62 11.13
C ALA A 285 8.63 13.26 10.61
N VAL A 286 9.23 13.20 9.41
CA VAL A 286 9.57 11.91 8.80
C VAL A 286 10.95 11.83 8.13
N ASP A 287 11.55 10.66 8.23
CA ASP A 287 12.66 10.26 7.35
C ASP A 287 12.17 9.86 5.95
N VAL A 288 11.10 9.07 5.91
CA VAL A 288 10.55 8.52 4.68
C VAL A 288 9.05 8.79 4.62
N ALA A 289 8.59 9.24 3.45
CA ALA A 289 7.18 9.45 3.19
C ALA A 289 6.60 8.34 2.35
N ILE A 290 5.61 7.64 2.90
CA ILE A 290 4.84 6.65 2.17
CA ILE A 290 4.86 6.66 2.15
C ILE A 290 3.74 7.37 1.38
N VAL A 291 3.67 7.11 0.07
CA VAL A 291 2.67 7.76 -0.79
C VAL A 291 1.75 6.67 -1.33
N ASP A 292 0.47 6.77 -1.04
CA ASP A 292 -0.50 5.81 -1.60
C ASP A 292 -1.00 6.35 -2.94
N THR A 293 -0.40 5.87 -4.02
CA THR A 293 -0.75 6.31 -5.34
C THR A 293 -2.04 5.65 -5.85
N ILE A 294 -2.45 4.57 -5.20
CA ILE A 294 -3.72 3.93 -5.52
C ILE A 294 -4.87 4.83 -5.05
N TRP A 295 -4.69 5.36 -3.84
CA TRP A 295 -5.57 6.37 -3.27
C TRP A 295 -5.53 7.73 -3.98
N ASN A 296 -4.33 8.27 -4.15
CA ASN A 296 -4.18 9.65 -4.65
C ASN A 296 -4.35 9.77 -6.16
N GLY A 297 -4.07 8.69 -6.86
CA GLY A 297 -3.86 8.74 -8.31
C GLY A 297 -2.40 8.97 -8.55
N VAL A 298 -1.86 8.32 -9.58
CA VAL A 298 -0.43 8.41 -9.86
C VAL A 298 0.00 9.82 -10.29
N TRP A 299 -0.82 10.55 -11.05
CA TRP A 299 -0.44 11.91 -11.43
C TRP A 299 -0.32 12.82 -10.22
N GLN A 300 -1.30 12.75 -9.31
CA GLN A 300 -1.24 13.54 -8.08
C GLN A 300 -0.01 13.13 -7.26
N SER A 301 0.32 11.84 -7.27
CA SER A 301 1.44 11.32 -6.53
C SER A 301 2.78 11.81 -7.06
N MSE A 302 2.87 12.08 -8.38
CA MSE A 302 4.07 12.69 -8.93
C MSE A 302 4.28 14.07 -8.33
O MSE A 302 5.41 14.46 -8.03
CB MSE A 302 4.02 12.78 -10.47
CG MSE A 302 3.94 11.44 -11.16
SE MSE A 302 5.26 10.11 -10.71
CE MSE A 302 6.86 11.03 -11.37
N LYS A 303 3.18 14.81 -8.12
CA LYS A 303 3.25 16.10 -7.46
C LYS A 303 3.79 15.96 -6.04
N ILE A 304 3.23 15.02 -5.30
CA ILE A 304 3.69 14.72 -3.92
C ILE A 304 5.17 14.32 -3.89
N ALA A 305 5.58 13.47 -4.83
CA ALA A 305 7.00 13.05 -4.90
C ALA A 305 7.93 14.22 -5.16
N ALA A 306 7.54 15.11 -6.06
CA ALA A 306 8.33 16.33 -6.32
C ALA A 306 8.44 17.24 -5.11
N PHE A 307 7.34 17.36 -4.35
CA PHE A 307 7.30 18.14 -3.14
C PHE A 307 8.27 17.55 -2.10
N ALA A 308 8.18 16.23 -1.92
CA ALA A 308 9.10 15.50 -1.06
C ALA A 308 10.55 15.69 -1.49
N ASP A 309 10.78 15.62 -2.81
CA ASP A 309 12.12 15.77 -3.34
C ASP A 309 12.76 17.09 -2.91
N ALA A 310 11.95 18.16 -2.91
CA ALA A 310 12.46 19.49 -2.53
C ALA A 310 12.87 19.57 -1.07
N HIS A 311 12.26 18.72 -0.23
CA HIS A 311 12.60 18.57 1.18
C HIS A 311 13.67 17.50 1.40
N ASP A 312 14.23 16.94 0.32
CA ASP A 312 15.21 15.83 0.40
C ASP A 312 14.66 14.65 1.20
N ILE A 313 13.39 14.30 0.93
CA ILE A 313 12.74 13.15 1.48
C ILE A 313 12.44 12.18 0.35
N ASN A 314 12.85 10.94 0.54
CA ASN A 314 12.52 9.87 -0.38
C ASN A 314 11.17 9.27 -0.05
N VAL A 315 10.52 8.76 -1.08
CA VAL A 315 9.17 8.25 -0.95
C VAL A 315 9.12 6.75 -1.24
N ALA A 316 8.15 6.08 -0.64
CA ALA A 316 7.86 4.67 -0.97
C ALA A 316 6.38 4.48 -1.28
N PRO A 317 6.07 3.80 -2.37
CA PRO A 317 4.66 3.52 -2.65
C PRO A 317 4.01 2.57 -1.67
N HIS A 318 2.73 2.80 -1.38
CA HIS A 318 1.93 1.92 -0.55
C HIS A 318 1.35 0.86 -1.48
N ASN A 319 1.74 -0.39 -1.29
CA ASN A 319 1.41 -1.43 -2.25
C ASN A 319 1.21 -2.77 -1.57
N PHE A 320 -0.05 -3.13 -1.33
CA PHE A 320 -0.39 -4.35 -0.59
C PHE A 320 -1.73 -4.91 -1.05
N TYR A 321 -1.98 -4.79 -2.34
CA TYR A 321 -3.24 -5.23 -2.94
C TYR A 321 -2.93 -6.26 -4.04
N GLY A 322 -3.71 -6.26 -5.13
CA GLY A 322 -3.52 -7.23 -6.21
C GLY A 322 -2.43 -6.82 -7.20
N HIS A 323 -2.23 -7.67 -8.20
CA HIS A 323 -1.16 -7.45 -9.18
C HIS A 323 -1.29 -6.11 -9.93
N LEU A 324 -2.51 -5.67 -10.21
CA LEU A 324 -2.66 -4.40 -10.93
C LEU A 324 -2.12 -3.23 -10.10
N CYS A 325 -2.44 -3.20 -8.81
CA CYS A 325 -1.82 -2.19 -7.92
C CYS A 325 -0.30 -2.25 -7.97
N THR A 326 0.27 -3.45 -7.98
CA THR A 326 1.72 -3.59 -8.05
C THR A 326 2.27 -2.97 -9.34
N MSE A 327 1.59 -3.21 -10.44
CA MSE A 327 2.04 -2.67 -11.73
C MSE A 327 1.83 -1.14 -11.80
O MSE A 327 2.63 -0.41 -12.40
CB MSE A 327 1.33 -3.36 -12.88
CG MSE A 327 1.60 -4.82 -13.03
SE MSE A 327 3.51 -5.22 -13.02
CE MSE A 327 3.31 -6.90 -14.05
N ILE A 328 0.76 -0.64 -11.18
CA ILE A 328 0.53 0.79 -11.11
C ILE A 328 1.71 1.43 -10.38
N ASN A 329 2.00 0.90 -9.21
CA ASN A 329 3.11 1.38 -8.38
C ASN A 329 4.47 1.21 -9.03
N ALA A 330 4.63 0.16 -9.81
CA ALA A 330 5.86 -0.10 -10.56
C ALA A 330 6.17 1.04 -11.52
N ASN A 331 5.14 1.57 -12.16
CA ASN A 331 5.31 2.66 -13.09
C ASN A 331 5.69 3.96 -12.40
N PHE A 332 5.05 4.23 -11.26
CA PHE A 332 5.44 5.33 -10.40
C PHE A 332 6.89 5.19 -9.94
N ALA A 333 7.26 4.01 -9.45
CA ALA A 333 8.61 3.75 -8.95
C ALA A 333 9.66 3.86 -10.06
N ALA A 334 9.29 3.51 -11.27
CA ALA A 334 10.19 3.64 -12.41
C ALA A 334 10.61 5.10 -12.69
N ALA A 335 9.69 6.03 -12.42
CA ALA A 335 9.82 7.40 -12.83
C ALA A 335 10.32 8.35 -11.73
N VAL A 336 10.13 8.00 -10.45
CA VAL A 336 10.42 8.94 -9.36
C VAL A 336 11.89 8.86 -8.97
N PRO A 337 12.63 9.98 -9.03
CA PRO A 337 14.06 9.91 -8.65
C PRO A 337 14.24 9.55 -7.18
N ASN A 338 13.49 10.24 -6.33
CA ASN A 338 13.65 10.13 -4.89
C ASN A 338 12.87 8.95 -4.30
N LEU A 339 13.21 7.74 -4.77
CA LEU A 339 12.51 6.52 -4.38
C LEU A 339 13.29 5.78 -3.31
N ARG A 340 12.68 5.62 -2.14
CA ARG A 340 13.31 4.89 -1.05
C ARG A 340 13.41 3.41 -1.28
N ILE A 341 12.29 2.82 -1.68
CA ILE A 341 12.09 1.38 -1.78
C ILE A 341 10.63 1.17 -2.23
N MSE A 342 10.27 -0.02 -2.70
CA MSE A 342 8.87 -0.33 -2.99
C MSE A 342 8.36 -1.50 -2.18
O MSE A 342 9.01 -2.54 -2.05
CB MSE A 342 8.60 -0.61 -4.48
CG MSE A 342 7.07 -0.96 -4.80
SE MSE A 342 6.97 -0.88 -6.66
CE MSE A 342 5.44 -2.16 -6.88
N GLU A 343 7.20 -1.30 -1.58
CA GLU A 343 6.49 -2.33 -0.84
C GLU A 343 5.88 -3.32 -1.80
N THR A 344 5.87 -4.58 -1.43
CA THR A 344 5.03 -5.52 -2.14
C THR A 344 4.74 -6.71 -1.23
N ASP A 345 3.57 -7.32 -1.43
CA ASP A 345 3.23 -8.58 -0.74
C ASP A 345 3.73 -9.75 -1.60
N ILE A 346 4.53 -10.62 -1.02
CA ILE A 346 5.02 -11.79 -1.71
C ILE A 346 4.09 -12.98 -1.44
N ASP A 347 3.36 -12.96 -0.33
CA ASP A 347 2.33 -13.94 -0.08
C ASP A 347 1.17 -13.61 -1.01
N ARG A 348 0.78 -14.57 -1.83
CA ARG A 348 -0.30 -14.37 -2.81
C ARG A 348 -1.41 -15.36 -2.61
N LEU A 349 -2.62 -14.95 -2.97
CA LEU A 349 -3.78 -15.85 -3.03
C LEU A 349 -3.60 -16.92 -4.05
N ALA A 350 -4.21 -18.09 -3.76
CA ALA A 350 -4.14 -19.22 -4.68
C ALA A 350 -4.67 -18.91 -6.07
N TRP A 351 -5.61 -17.96 -6.18
CA TRP A 351 -6.19 -17.59 -7.48
C TRP A 351 -5.71 -16.25 -8.03
N GLU A 352 -4.67 -15.67 -7.44
CA GLU A 352 -4.23 -14.34 -7.82
C GLU A 352 -3.92 -14.26 -9.32
N ASP A 353 -3.16 -15.22 -9.81
CA ASP A 353 -2.67 -15.14 -11.18
C ASP A 353 -3.79 -15.35 -12.22
N GLU A 354 -4.89 -15.98 -11.81
CA GLU A 354 -6.06 -16.16 -12.67
CA GLU A 354 -6.06 -16.15 -12.68
C GLU A 354 -6.70 -14.80 -12.98
N LEU A 355 -6.61 -13.87 -12.03
CA LEU A 355 -7.34 -12.58 -12.14
C LEU A 355 -6.75 -11.58 -13.11
N PHE A 356 -5.47 -11.75 -13.46
CA PHE A 356 -4.74 -10.79 -14.28
C PHE A 356 -4.01 -11.43 -15.45
N THR A 357 -3.87 -10.68 -16.52
CA THR A 357 -3.14 -11.16 -17.69
C THR A 357 -1.65 -11.43 -17.43
N HIS A 358 -1.02 -10.58 -16.63
CA HIS A 358 0.41 -10.66 -16.33
C HIS A 358 0.69 -10.55 -14.84
N ALA A 359 1.69 -11.29 -14.37
CA ALA A 359 2.10 -11.25 -12.98
C ALA A 359 3.41 -10.46 -12.89
N PRO A 360 3.60 -9.72 -11.80
CA PRO A 360 4.90 -9.11 -11.57
C PRO A 360 6.05 -10.12 -11.47
N GLU A 361 7.20 -9.72 -12.00
CA GLU A 361 8.38 -10.56 -12.04
CA GLU A 361 8.38 -10.57 -12.03
C GLU A 361 9.45 -9.99 -11.12
N TYR A 362 9.96 -10.82 -10.21
CA TYR A 362 11.02 -10.42 -9.28
C TYR A 362 12.28 -11.22 -9.59
N GLN A 363 13.43 -10.59 -9.44
CA GLN A 363 14.69 -11.26 -9.60
C GLN A 363 15.65 -10.64 -8.61
N ASN A 364 16.35 -11.46 -7.82
CA ASN A 364 17.34 -10.95 -6.86
C ASN A 364 16.82 -9.78 -6.01
N GLY A 365 15.62 -9.93 -5.49
CA GLY A 365 15.04 -8.97 -4.56
C GLY A 365 14.53 -7.70 -5.20
N GLU A 366 14.48 -7.66 -6.54
CA GLU A 366 13.99 -6.48 -7.26
C GLU A 366 12.82 -6.82 -8.14
N LEU A 367 11.93 -5.84 -8.32
CA LEU A 367 10.82 -5.93 -9.25
C LEU A 367 11.28 -5.43 -10.60
N ILE A 368 11.02 -6.22 -11.64
CA ILE A 368 11.33 -5.85 -13.01
CA ILE A 368 11.34 -5.83 -12.99
C ILE A 368 10.20 -4.97 -13.52
N ILE A 369 10.53 -3.78 -14.00
CA ILE A 369 9.51 -2.87 -14.54
C ILE A 369 9.15 -3.30 -15.96
N PRO A 370 7.86 -3.58 -16.21
CA PRO A 370 7.50 -4.05 -17.54
C PRO A 370 7.45 -2.92 -18.55
N ASP A 371 7.40 -3.28 -19.83
CA ASP A 371 7.36 -2.31 -20.93
C ASP A 371 6.18 -2.51 -21.89
N ARG A 372 5.04 -2.97 -21.36
CA ARG A 372 3.84 -3.11 -22.17
C ARG A 372 3.01 -1.82 -22.15
N PRO A 373 2.14 -1.62 -23.15
CA PRO A 373 1.32 -0.40 -23.09
C PRO A 373 0.44 -0.39 -21.83
N GLY A 374 0.35 0.76 -21.20
CA GLY A 374 -0.44 0.92 -19.97
C GLY A 374 0.34 0.50 -18.73
N TRP A 375 -0.39 0.08 -17.69
CA TRP A 375 0.25 -0.25 -16.43
C TRP A 375 1.12 -1.50 -16.47
N GLY A 376 0.76 -2.48 -17.32
CA GLY A 376 1.52 -3.73 -17.42
C GLY A 376 0.73 -5.02 -17.18
N THR A 377 -0.50 -4.88 -16.71
CA THR A 377 -1.39 -6.03 -16.53
C THR A 377 -2.84 -5.58 -16.62
N ASP A 378 -3.70 -6.45 -17.13
CA ASP A 378 -5.15 -6.23 -17.17
C ASP A 378 -5.88 -7.26 -16.31
N PRO A 379 -6.87 -6.81 -15.52
CA PRO A 379 -7.79 -7.75 -14.89
C PRO A 379 -8.52 -8.51 -15.99
N VAL A 380 -8.92 -9.74 -15.69
CA VAL A 380 -9.59 -10.65 -16.64
C VAL A 380 -11.02 -10.79 -16.21
N GLU A 381 -11.95 -10.27 -17.00
CA GLU A 381 -13.36 -10.17 -16.61
C GLU A 381 -13.98 -11.53 -16.25
N GLU A 382 -13.70 -12.55 -17.06
CA GLU A 382 -14.26 -13.88 -16.77
C GLU A 382 -13.77 -14.42 -15.44
N ALA A 383 -12.51 -14.16 -15.13
CA ALA A 383 -11.90 -14.61 -13.88
C ALA A 383 -12.49 -13.85 -12.68
N ILE A 384 -12.68 -12.54 -12.84
CA ILE A 384 -13.35 -11.73 -11.82
C ILE A 384 -14.70 -12.34 -11.47
N LEU A 385 -15.45 -12.71 -12.50
CA LEU A 385 -16.78 -13.26 -12.27
C LEU A 385 -16.76 -14.67 -11.68
N ALA A 386 -15.67 -15.40 -11.87
CA ALA A 386 -15.51 -16.71 -11.24
C ALA A 386 -15.17 -16.62 -9.75
N HIS A 387 -14.80 -15.41 -9.28
CA HIS A 387 -14.47 -15.18 -7.89
C HIS A 387 -15.34 -14.03 -7.33
N PRO A 388 -16.65 -14.29 -7.19
CA PRO A 388 -17.58 -13.27 -6.71
C PRO A 388 -17.22 -12.72 -5.31
N PRO A 389 -17.43 -11.42 -5.09
CA PRO A 389 -17.00 -10.78 -3.86
C PRO A 389 -17.87 -11.20 -2.69
N LYS A 390 -17.33 -11.03 -1.49
CA LYS A 390 -18.09 -11.21 -0.24
C LYS A 390 -18.48 -9.84 0.24
N VAL A 391 -19.11 -9.76 1.40
CA VAL A 391 -19.38 -8.45 1.95
C VAL A 391 -18.03 -7.81 2.28
N MSE A 392 -18.04 -6.51 2.56
CA MSE A 392 -16.79 -5.83 2.88
C MSE A 392 -16.05 -6.54 4.01
O MSE A 392 -16.64 -6.85 5.07
CB MSE A 392 -17.05 -4.37 3.28
CG MSE A 392 -15.76 -3.52 3.36
SE MSE A 392 -16.22 -1.63 3.71
CE MSE A 392 -14.64 -1.09 4.74
N GLY A 393 -14.76 -6.81 3.77
CA GLY A 393 -13.87 -7.34 4.78
C GLY A 393 -12.85 -6.30 5.22
N GLY A 394 -11.56 -6.62 5.09
CA GLY A 394 -10.52 -5.67 5.48
C GLY A 394 -10.63 -5.38 6.96
N LEU A 395 -10.60 -4.10 7.34
CA LEU A 395 -10.67 -3.75 8.77
C LEU A 395 -11.96 -4.26 9.44
N LEU A 396 -13.02 -4.40 8.66
CA LEU A 396 -14.29 -4.92 9.22
C LEU A 396 -14.30 -6.43 9.52
N GLN A 397 -13.50 -7.22 8.83
CA GLN A 397 -13.54 -8.68 9.04
C GLN A 397 -12.61 -9.19 10.15
N TYR A 398 -11.57 -8.43 10.51
CA TYR A 398 -10.78 -8.74 11.72
C TYR A 398 -11.71 -8.70 12.93
N LYS A 399 -12.60 -7.71 12.91
CA LYS A 399 -13.54 -7.47 14.00
C LYS A 399 -14.62 -8.58 14.05
N ARG A 400 -14.97 -9.15 12.89
CA ARG A 400 -15.82 -10.36 12.86
C ARG A 400 -15.11 -11.57 13.45
N SER A 401 -13.87 -11.79 12.99
CA SER A 401 -13.02 -12.89 13.49
C SER A 401 -12.90 -12.83 15.01
N GLU A 402 -12.81 -11.61 15.56
CA GLU A 402 -12.76 -11.41 17.00
C GLU A 402 -14.08 -11.86 17.65
MG MG B . 2.06 1.13 6.93
OXT FUM C . -3.30 -4.07 11.06
C FUM C . -3.76 -3.89 9.89
O FUM C . -4.99 -4.04 9.67
C4 FUM C . -2.89 -3.55 8.75
C5 FUM C . -1.57 -3.37 8.89
C6 FUM C . -0.72 -3.01 7.73
O7 FUM C . -1.25 -2.98 6.58
O8 FUM C . 0.50 -2.73 7.92
CL CL D . -8.54 1.80 26.41
CL CL E . -13.05 -5.41 1.48
#